data_6P3D
#
_entry.id   6P3D
#
_cell.length_a   118.839
_cell.length_b   118.839
_cell.length_c   51.530
_cell.angle_alpha   90.00
_cell.angle_beta   90.00
_cell.angle_gamma   90.00
#
_symmetry.space_group_name_H-M   'P 43 2 2'
#
loop_
_entity.id
_entity.type
_entity.pdbx_description
1 polymer 'Serine/threonine-protein kinase B-raf'
2 non-polymer '3-(imidazo[1,2-b]pyridazin-3-ylethynyl)-4-methyl-N-{4-[(4-methylpiperazin-1-yl)methyl]-3-(trifluoromethyl)phenyl}benzam ide'
3 non-polymer 'SULFATE ION'
4 non-polymer 'AMMONIUM ION'
5 non-polymer 1,2-ETHANEDIOL
6 water water
#
_entity_poly.entity_id   1
_entity_poly.type   'polypeptide(L)'
_entity_poly.pdbx_seq_one_letter_code
;MGSSHHHHHHSSGLVPRGSKMDDWEIPDGQITVGQRIGSGSFGTVYKGKWHGDVAVKMLNVTAPTPQQLQAFKNEVGVLR
KTRHVNILLFMGYSTKPQLAIVTQWCEGSSLYHHLHASETKFEMKKLIDIARQTARGMDYLHAKSIIHRDLKSNNIFLHE
DNTVKIGDFGLATEKSRWSGSHQFEQLSGSILWMAPEVIRMQDSNPYSFQSDVYAFGIVLYELMTGQLPYSNINNRDQII
EMVGRGSLSPDLSKVRSNCPKRMKRLMAECLKKKRDERPSFPRILAEIEELARELSG
;
_entity_poly.pdbx_strand_id   A
#
# COMPACT_ATOMS: atom_id res chain seq x y z
N LYS A 20 26.26 5.59 6.34
CA LYS A 20 26.51 4.27 5.67
C LYS A 20 25.51 3.21 6.18
N MET A 21 25.30 2.18 5.36
CA MET A 21 24.30 1.11 5.64
C MET A 21 24.42 0.43 7.03
N ASP A 22 25.65 0.06 7.42
CA ASP A 22 25.94 -0.64 8.74
C ASP A 22 25.45 0.11 9.97
N ASP A 23 25.18 1.41 9.88
CA ASP A 23 24.56 2.16 11.01
C ASP A 23 23.22 1.57 11.47
N TRP A 24 22.52 0.85 10.59
CA TRP A 24 21.26 0.29 10.94
C TRP A 24 21.38 -1.21 11.07
N GLU A 25 22.60 -1.74 11.06
CA GLU A 25 22.78 -3.19 11.30
C GLU A 25 22.55 -3.54 12.76
N ILE A 26 21.73 -4.54 13.02
CA ILE A 26 21.47 -5.01 14.33
C ILE A 26 22.31 -6.28 14.51
N PRO A 27 23.23 -6.27 15.48
CA PRO A 27 24.01 -7.48 15.74
C PRO A 27 23.18 -8.67 16.13
N ASP A 28 23.75 -9.82 15.79
CA ASP A 28 23.15 -11.12 16.01
C ASP A 28 22.96 -11.37 17.48
N GLY A 29 21.89 -12.07 17.80
CA GLY A 29 21.56 -12.37 19.20
C GLY A 29 20.58 -11.40 19.85
N GLN A 30 20.49 -10.16 19.37
CA GLN A 30 19.65 -9.17 20.00
C GLN A 30 18.17 -9.37 19.73
N ILE A 31 17.79 -9.76 18.52
CA ILE A 31 16.37 -9.91 18.18
C ILE A 31 15.84 -11.22 18.68
N THR A 32 14.66 -11.24 19.30
CA THR A 32 13.96 -12.47 19.67
C THR A 32 12.82 -12.66 18.66
N VAL A 33 12.89 -13.73 17.87
CA VAL A 33 11.85 -14.02 16.86
C VAL A 33 10.72 -14.79 17.53
N GLY A 34 9.49 -14.34 17.39
CA GLY A 34 8.31 -14.97 17.96
C GLY A 34 7.45 -15.55 16.81
N GLN A 35 6.15 -15.32 16.90
CA GLN A 35 5.16 -15.94 16.05
C GLN A 35 5.35 -15.58 14.58
N ARG A 36 5.35 -16.62 13.74
CA ARG A 36 5.33 -16.51 12.28
C ARG A 36 4.02 -15.91 11.83
N ILE A 37 4.09 -14.94 10.93
CA ILE A 37 2.88 -14.27 10.46
C ILE A 37 2.53 -14.83 9.10
N GLY A 38 3.49 -14.96 8.19
CA GLY A 38 3.21 -15.38 6.81
C GLY A 38 4.47 -15.38 5.97
N SER A 39 4.50 -16.25 4.98
CA SER A 39 5.53 -16.17 3.97
C SER A 39 4.90 -15.30 2.89
N GLY A 40 5.72 -14.58 2.16
CA GLY A 40 5.24 -13.88 1.01
C GLY A 40 6.24 -13.69 -0.10
N SER A 41 5.85 -12.85 -1.05
CA SER A 41 6.72 -12.54 -2.18
C SER A 41 8.05 -11.92 -1.80
N PHE A 42 8.20 -11.32 -0.59
CA PHE A 42 9.46 -10.63 -0.20
C PHE A 42 10.14 -11.23 1.01
N GLY A 43 9.66 -12.39 1.43
CA GLY A 43 10.22 -13.12 2.57
C GLY A 43 9.15 -13.41 3.59
N THR A 44 9.56 -13.99 4.73
CA THR A 44 8.64 -14.47 5.73
C THR A 44 8.66 -13.51 6.91
N VAL A 45 7.49 -13.19 7.43
CA VAL A 45 7.31 -12.17 8.41
C VAL A 45 6.96 -12.78 9.73
N TYR A 46 7.67 -12.33 10.78
CA TYR A 46 7.49 -12.73 12.17
C TYR A 46 7.30 -11.55 13.08
N LYS A 47 6.54 -11.74 14.17
CA LYS A 47 6.56 -10.83 15.27
C LYS A 47 7.83 -11.13 16.12
N GLY A 48 8.41 -10.11 16.72
CA GLY A 48 9.70 -10.25 17.40
C GLY A 48 9.79 -9.26 18.54
N LYS A 49 10.88 -9.35 19.33
CA LYS A 49 11.17 -8.40 20.41
C LYS A 49 12.56 -7.85 20.21
N TRP A 50 12.68 -6.52 20.32
CA TRP A 50 13.92 -5.80 20.16
C TRP A 50 13.58 -4.41 20.67
N HIS A 51 13.81 -4.15 21.97
CA HIS A 51 13.49 -2.84 22.58
C HIS A 51 12.01 -2.55 22.44
N GLY A 52 11.20 -3.60 22.66
CA GLY A 52 9.77 -3.59 22.47
C GLY A 52 9.41 -4.50 21.31
N ASP A 53 8.22 -4.31 20.76
CA ASP A 53 7.69 -5.17 19.67
C ASP A 53 8.26 -4.71 18.34
N VAL A 54 8.65 -5.64 17.48
CA VAL A 54 9.07 -5.40 16.10
C VAL A 54 8.48 -6.48 15.15
N ALA A 55 8.54 -6.23 13.87
CA ALA A 55 8.25 -7.23 12.88
C ALA A 55 9.56 -7.49 12.19
N VAL A 56 9.82 -8.74 11.88
CA VAL A 56 11.06 -9.12 11.25
C VAL A 56 10.66 -9.89 10.00
N LYS A 57 11.16 -9.47 8.83
CA LYS A 57 10.91 -10.14 7.55
C LYS A 57 12.21 -10.77 7.14
N MET A 58 12.18 -12.08 7.01
CA MET A 58 13.34 -12.89 6.92
C MET A 58 13.44 -13.34 5.47
N LEU A 59 14.61 -13.21 4.89
CA LEU A 59 14.88 -13.92 3.67
C LEU A 59 15.18 -15.36 4.08
N ASN A 60 14.23 -16.22 3.80
CA ASN A 60 14.13 -17.56 4.42
C ASN A 60 15.05 -18.65 3.77
N VAL A 61 16.22 -18.25 3.30
CA VAL A 61 16.92 -18.91 2.18
C VAL A 61 18.36 -19.23 2.51
N THR A 62 18.76 -20.42 2.11
CA THR A 62 20.01 -21.03 2.49
C THR A 62 21.26 -20.29 1.96
N ALA A 63 21.27 -19.91 0.69
CA ALA A 63 22.40 -19.16 0.14
C ALA A 63 21.82 -18.07 -0.75
N PRO A 64 21.73 -16.83 -0.22
CA PRO A 64 21.20 -15.78 -1.08
C PRO A 64 22.08 -15.63 -2.31
N THR A 65 21.47 -15.56 -3.48
CA THR A 65 22.20 -15.31 -4.73
C THR A 65 22.59 -13.85 -4.71
N PRO A 66 23.43 -13.42 -5.66
CA PRO A 66 23.69 -11.97 -5.70
C PRO A 66 22.48 -11.06 -6.01
N GLN A 67 21.46 -11.61 -6.67
CA GLN A 67 20.25 -10.90 -6.97
C GLN A 67 19.43 -10.75 -5.70
N GLN A 68 19.36 -11.83 -4.92
CA GLN A 68 18.66 -11.72 -3.64
C GLN A 68 19.34 -10.71 -2.70
N LEU A 69 20.66 -10.69 -2.72
CA LEU A 69 21.39 -9.71 -1.95
C LEU A 69 21.15 -8.29 -2.42
N GLN A 70 21.09 -8.10 -3.75
CA GLN A 70 20.89 -6.79 -4.29
C GLN A 70 19.49 -6.32 -3.92
N ALA A 71 18.50 -7.19 -3.98
CA ALA A 71 17.15 -6.84 -3.68
C ALA A 71 17.01 -6.47 -2.19
N PHE A 72 17.72 -7.18 -1.34
CA PHE A 72 17.75 -6.85 0.08
C PHE A 72 18.30 -5.43 0.30
N LYS A 73 19.44 -5.17 -0.31
CA LYS A 73 20.02 -3.90 -0.28
C LYS A 73 19.09 -2.82 -0.81
N ASN A 74 18.33 -3.11 -1.87
CA ASN A 74 17.43 -2.17 -2.42
C ASN A 74 16.33 -1.85 -1.48
N GLU A 75 15.78 -2.85 -0.79
CA GLU A 75 14.70 -2.61 0.12
C GLU A 75 15.18 -1.76 1.34
N VAL A 76 16.33 -2.13 1.91
CA VAL A 76 16.95 -1.37 2.97
C VAL A 76 17.22 0.07 2.50
N GLY A 77 17.81 0.23 1.30
CA GLY A 77 18.10 1.56 0.74
C GLY A 77 16.85 2.44 0.64
N VAL A 78 15.74 1.87 0.18
CA VAL A 78 14.56 2.71 0.06
C VAL A 78 13.91 2.95 1.40
N LEU A 79 13.83 1.93 2.21
CA LEU A 79 13.23 2.13 3.54
C LEU A 79 14.02 3.14 4.37
N ARG A 80 15.35 3.17 4.27
CA ARG A 80 16.14 4.20 4.94
C ARG A 80 15.83 5.67 4.57
N LYS A 81 15.27 5.88 3.40
CA LYS A 81 14.90 7.22 2.97
C LYS A 81 13.58 7.68 3.49
N THR A 82 12.85 6.81 4.22
CA THR A 82 11.54 7.15 4.72
C THR A 82 11.47 7.45 6.20
N ARG A 83 10.96 8.63 6.55
CA ARG A 83 10.70 9.02 7.92
C ARG A 83 9.40 9.82 7.89
N HIS A 84 8.28 9.15 8.10
CA HIS A 84 6.98 9.80 8.02
C HIS A 84 6.03 8.92 8.77
N VAL A 85 5.11 9.52 9.50
CA VAL A 85 4.17 8.79 10.33
C VAL A 85 3.23 7.82 9.56
N ASN A 86 3.05 8.00 8.25
CA ASN A 86 2.16 7.10 7.48
C ASN A 86 2.93 6.14 6.57
N ILE A 87 4.25 6.02 6.80
CA ILE A 87 5.08 5.00 6.21
C ILE A 87 5.60 4.11 7.32
N LEU A 88 5.33 2.81 7.20
CA LEU A 88 5.80 1.85 8.13
C LEU A 88 7.26 2.16 8.49
N LEU A 89 7.56 2.11 9.77
CA LEU A 89 8.88 2.56 10.28
C LEU A 89 9.88 1.46 10.17
N PHE A 90 10.83 1.67 9.31
CA PHE A 90 12.00 0.86 9.21
C PHE A 90 12.86 1.13 10.45
N MET A 91 13.39 0.07 11.03
CA MET A 91 14.19 0.17 12.26
C MET A 91 15.64 -0.39 12.09
N GLY A 92 15.83 -1.42 11.26
CA GLY A 92 17.20 -1.91 10.97
C GLY A 92 17.18 -3.20 10.16
N TYR A 93 18.34 -3.83 10.04
CA TYR A 93 18.45 -5.09 9.31
C TYR A 93 19.51 -5.96 9.97
N SER A 94 19.47 -7.27 9.70
CA SER A 94 20.62 -8.13 10.02
C SER A 94 20.98 -8.97 8.86
N THR A 95 22.26 -9.36 8.86
CA THR A 95 22.82 -10.27 7.85
C THR A 95 23.13 -11.64 8.46
N LYS A 96 23.04 -11.79 9.78
CA LYS A 96 23.15 -13.08 10.47
C LYS A 96 22.31 -13.00 11.77
N PRO A 97 21.61 -14.08 12.18
CA PRO A 97 21.62 -15.45 11.59
C PRO A 97 21.30 -15.57 10.09
N GLN A 98 20.26 -14.89 9.62
CA GLN A 98 19.93 -14.75 8.17
C GLN A 98 19.67 -13.28 7.78
N LEU A 99 19.41 -13.07 6.49
CA LEU A 99 19.02 -11.78 5.99
C LEU A 99 17.66 -11.39 6.51
N ALA A 100 17.56 -10.19 7.06
CA ALA A 100 16.30 -9.82 7.69
C ALA A 100 16.14 -8.32 7.77
N ILE A 101 14.89 -7.88 7.64
CA ILE A 101 14.58 -6.47 7.77
C ILE A 101 13.70 -6.29 8.97
N VAL A 102 14.00 -5.28 9.78
CA VAL A 102 13.22 -5.05 11.03
C VAL A 102 12.44 -3.76 10.96
N THR A 103 11.15 -3.83 11.30
CA THR A 103 10.28 -2.67 11.29
C THR A 103 9.54 -2.65 12.60
N GLN A 104 8.80 -1.57 12.85
CA GLN A 104 7.87 -1.51 13.95
C GLN A 104 6.80 -2.56 13.78
N TRP A 105 6.18 -2.91 14.91
CA TRP A 105 5.10 -3.89 14.96
C TRP A 105 3.80 -3.07 14.90
N CYS A 106 2.93 -3.42 13.97
CA CYS A 106 1.63 -2.83 13.83
C CYS A 106 0.55 -3.76 14.44
N GLU A 107 -0.25 -3.19 15.32
CA GLU A 107 -1.36 -3.86 15.89
C GLU A 107 -2.60 -3.59 15.07
N GLY A 108 -3.30 -4.68 14.75
CA GLY A 108 -4.66 -4.65 14.22
C GLY A 108 -4.51 -5.36 12.93
N SER A 109 -5.09 -4.80 11.87
CA SER A 109 -4.97 -5.39 10.58
C SER A 109 -5.10 -4.37 9.42
N SER A 110 -4.99 -4.92 8.22
CA SER A 110 -4.97 -4.14 7.02
C SER A 110 -6.31 -3.51 6.72
N LEU A 111 -6.26 -2.49 5.87
CA LEU A 111 -7.48 -1.84 5.45
C LEU A 111 -8.36 -2.79 4.70
N TYR A 112 -7.72 -3.64 3.88
CA TYR A 112 -8.37 -4.73 3.13
C TYR A 112 -9.16 -5.59 4.09
N HIS A 113 -8.50 -6.01 5.15
CA HIS A 113 -9.16 -6.81 6.18
C HIS A 113 -10.42 -6.14 6.76
N HIS A 114 -10.33 -4.85 7.04
CA HIS A 114 -11.40 -4.14 7.69
C HIS A 114 -12.60 -3.98 6.76
N LEU A 115 -12.36 -3.64 5.49
CA LEU A 115 -13.44 -3.33 4.55
C LEU A 115 -14.11 -4.55 3.98
N HIS A 116 -13.31 -5.56 3.65
CA HIS A 116 -13.74 -6.67 2.87
C HIS A 116 -13.85 -7.97 3.63
N ALA A 117 -13.41 -8.03 4.87
CA ALA A 117 -13.47 -9.28 5.57
C ALA A 117 -13.70 -9.01 7.03
N SER A 118 -14.61 -8.07 7.34
CA SER A 118 -15.03 -7.79 8.69
C SER A 118 -16.38 -7.11 8.84
N GLU A 119 -16.97 -7.42 10.00
CA GLU A 119 -18.14 -6.76 10.61
C GLU A 119 -18.01 -5.25 10.83
N THR A 120 -16.79 -4.74 11.06
CA THR A 120 -16.51 -3.28 11.10
C THR A 120 -17.09 -2.62 9.84
N LYS A 121 -17.88 -1.56 10.06
CA LYS A 121 -18.26 -0.60 9.04
C LYS A 121 -17.85 0.76 9.62
N PHE A 122 -16.96 1.48 8.93
CA PHE A 122 -16.45 2.71 9.46
C PHE A 122 -17.42 3.81 9.18
N GLU A 123 -17.40 4.84 10.00
CA GLU A 123 -18.10 6.08 9.70
C GLU A 123 -17.34 6.81 8.61
N MET A 124 -18.06 7.69 7.91
CA MET A 124 -17.55 8.47 6.81
C MET A 124 -16.36 9.34 7.23
N LYS A 125 -16.46 10.02 8.39
CA LYS A 125 -15.32 10.80 8.96
C LYS A 125 -14.06 9.97 9.05
N LYS A 126 -14.22 8.72 9.47
CA LYS A 126 -13.11 7.89 9.62
C LYS A 126 -12.60 7.46 8.25
N LEU A 127 -13.49 7.15 7.35
CA LEU A 127 -13.14 6.80 5.98
C LEU A 127 -12.36 7.91 5.31
N ILE A 128 -12.77 9.14 5.52
CA ILE A 128 -12.03 10.27 5.00
C ILE A 128 -10.65 10.45 5.65
N ASP A 129 -10.56 10.13 6.93
CA ASP A 129 -9.33 10.27 7.65
C ASP A 129 -8.33 9.24 7.17
N ILE A 130 -8.82 8.05 6.84
CA ILE A 130 -7.98 7.00 6.27
C ILE A 130 -7.45 7.45 4.88
N ALA A 131 -8.37 7.90 4.04
CA ALA A 131 -8.00 8.50 2.77
C ALA A 131 -6.91 9.56 2.96
N ARG A 132 -7.13 10.46 3.94
CA ARG A 132 -6.27 11.58 4.15
C ARG A 132 -4.83 11.14 4.54
N GLN A 133 -4.77 10.27 5.50
CA GLN A 133 -3.45 9.71 5.94
C GLN A 133 -2.73 8.95 4.84
N THR A 134 -3.52 8.24 4.05
CA THR A 134 -2.94 7.48 2.95
C THR A 134 -2.36 8.46 1.95
N ALA A 135 -3.09 9.51 1.64
CA ALA A 135 -2.58 10.59 0.78
C ALA A 135 -1.34 11.27 1.34
N ARG A 136 -1.26 11.41 2.66
CA ARG A 136 -0.06 12.04 3.23
C ARG A 136 1.14 11.18 2.91
N GLY A 137 1.00 9.89 3.14
CA GLY A 137 2.09 8.94 2.95
C GLY A 137 2.54 8.92 1.50
N MET A 138 1.58 8.90 0.56
CA MET A 138 1.89 8.82 -0.82
C MET A 138 2.54 10.09 -1.35
N ASP A 139 2.02 11.22 -0.90
CA ASP A 139 2.63 12.51 -1.24
C ASP A 139 4.09 12.60 -0.80
N TYR A 140 4.35 12.10 0.41
CA TYR A 140 5.74 12.01 0.91
C TYR A 140 6.59 11.12 0.02
N LEU A 141 6.09 9.93 -0.29
CA LEU A 141 6.91 9.03 -1.09
C LEU A 141 7.18 9.66 -2.45
N HIS A 142 6.13 10.22 -3.07
CA HIS A 142 6.35 10.90 -4.37
C HIS A 142 7.30 12.09 -4.31
N ALA A 143 7.32 12.77 -3.17
CA ALA A 143 8.17 13.95 -3.02
C ALA A 143 9.62 13.45 -3.03
N LYS A 144 9.88 12.24 -2.58
CA LYS A 144 11.24 11.71 -2.65
C LYS A 144 11.51 10.87 -3.85
N SER A 145 10.67 10.97 -4.87
CA SER A 145 10.75 10.19 -6.10
C SER A 145 10.64 8.69 -5.93
N ILE A 146 9.86 8.24 -4.96
CA ILE A 146 9.66 6.82 -4.71
C ILE A 146 8.32 6.47 -5.30
N ILE A 147 8.30 5.43 -6.12
CA ILE A 147 7.05 4.96 -6.81
C ILE A 147 6.74 3.65 -6.14
N HIS A 148 5.58 3.57 -5.53
CA HIS A 148 5.25 2.39 -4.74
C HIS A 148 5.14 1.15 -5.61
N ARG A 149 4.26 1.23 -6.64
CA ARG A 149 3.90 0.16 -7.59
C ARG A 149 2.94 -0.89 -7.05
N ASP A 150 2.81 -1.03 -5.74
CA ASP A 150 1.93 -2.07 -5.16
C ASP A 150 0.95 -1.50 -4.21
N LEU A 151 0.54 -0.27 -4.42
CA LEU A 151 -0.42 0.33 -3.49
C LEU A 151 -1.77 -0.38 -3.63
N LYS A 152 -2.31 -0.85 -2.51
CA LYS A 152 -3.55 -1.59 -2.52
C LYS A 152 -3.97 -1.68 -1.06
N SER A 153 -5.24 -1.94 -0.78
CA SER A 153 -5.71 -1.81 0.54
C SER A 153 -5.03 -2.82 1.42
N ASN A 154 -4.53 -3.93 0.90
CA ASN A 154 -3.86 -4.86 1.80
C ASN A 154 -2.43 -4.42 2.17
N ASN A 155 -1.91 -3.35 1.55
CA ASN A 155 -0.62 -2.75 1.89
C ASN A 155 -0.79 -1.49 2.73
N ILE A 156 -2.00 -1.21 3.17
CA ILE A 156 -2.30 -0.07 4.05
C ILE A 156 -2.69 -0.67 5.39
N PHE A 157 -1.83 -0.53 6.38
CA PHE A 157 -2.11 -1.13 7.68
C PHE A 157 -2.80 -0.10 8.51
N LEU A 158 -3.87 -0.47 9.21
CA LEU A 158 -4.48 0.48 10.16
C LEU A 158 -3.95 0.12 11.55
N HIS A 159 -2.82 0.73 11.89
CA HIS A 159 -2.14 0.48 13.17
C HIS A 159 -3.02 1.01 14.29
N GLU A 160 -3.27 0.17 15.32
CA GLU A 160 -4.16 0.55 16.48
C GLU A 160 -5.54 0.99 16.03
N ASP A 161 -6.00 0.46 14.90
CA ASP A 161 -7.19 0.91 14.13
C ASP A 161 -7.24 2.40 13.75
N ASN A 162 -6.17 3.16 13.99
CA ASN A 162 -6.18 4.64 13.83
C ASN A 162 -5.19 5.25 12.83
N THR A 163 -3.96 4.73 12.82
CA THR A 163 -2.89 5.33 12.05
C THR A 163 -2.58 4.46 10.87
N VAL A 164 -2.74 5.04 9.69
CA VAL A 164 -2.35 4.39 8.48
C VAL A 164 -0.82 4.25 8.44
N LYS A 165 -0.38 3.02 8.16
CA LYS A 165 1.01 2.76 7.78
C LYS A 165 1.03 2.06 6.46
N ILE A 166 1.58 2.72 5.43
CA ILE A 166 1.75 2.11 4.14
C ILE A 166 3.03 1.27 4.19
N GLY A 167 2.94 0.06 3.70
CA GLY A 167 4.11 -0.72 3.44
C GLY A 167 4.02 -1.47 2.14
N ASP A 168 4.95 -2.40 1.98
CA ASP A 168 4.93 -3.35 0.89
C ASP A 168 5.23 -4.75 1.42
N PHE A 169 4.19 -5.34 1.98
CA PHE A 169 4.31 -6.45 2.91
C PHE A 169 4.53 -7.75 2.19
N GLY A 170 3.86 -7.91 1.05
CA GLY A 170 4.02 -9.05 0.18
C GLY A 170 3.22 -10.26 0.66
N LEU A 171 2.35 -10.05 1.64
CA LEU A 171 1.55 -11.14 2.25
C LEU A 171 0.20 -11.26 1.51
N ALA A 172 -0.21 -12.48 1.19
CA ALA A 172 -1.50 -12.72 0.51
C ALA A 172 -2.66 -12.42 1.43
N THR A 173 -3.81 -12.09 0.85
CA THR A 173 -5.02 -11.86 1.62
C THR A 173 -5.70 -13.18 1.98
N GLU A 174 -6.29 -13.22 3.18
CA GLU A 174 -7.38 -14.13 3.56
C GLU A 174 -8.32 -14.53 2.40
N SER A 188 -3.74 -12.10 -10.22
CA SER A 188 -2.95 -11.40 -9.22
C SER A 188 -3.87 -10.78 -8.10
N GLY A 189 -5.17 -10.59 -8.31
CA GLY A 189 -6.00 -10.01 -7.24
C GLY A 189 -5.62 -8.56 -7.32
N SER A 190 -4.33 -8.32 -7.05
CA SER A 190 -3.65 -7.02 -7.19
C SER A 190 -3.81 -6.31 -8.59
N ILE A 191 -4.09 -7.06 -9.66
CA ILE A 191 -4.37 -6.50 -10.96
C ILE A 191 -5.61 -5.45 -10.71
N LEU A 192 -6.50 -5.57 -9.67
CA LEU A 192 -7.58 -4.62 -9.40
C LEU A 192 -7.17 -3.16 -9.21
N TRP A 193 -5.91 -2.95 -8.84
CA TRP A 193 -5.34 -1.60 -8.60
C TRP A 193 -4.48 -1.10 -9.77
N MET A 194 -4.32 -1.90 -10.84
CA MET A 194 -3.41 -1.53 -11.92
C MET A 194 -4.05 -0.61 -12.93
N ALA A 195 -3.37 0.49 -13.25
CA ALA A 195 -3.86 1.44 -14.24
C ALA A 195 -3.90 0.77 -15.62
N PRO A 196 -4.78 1.25 -16.50
CA PRO A 196 -4.79 0.72 -17.88
C PRO A 196 -3.40 0.57 -18.50
N GLU A 197 -2.58 1.62 -18.46
CA GLU A 197 -1.25 1.57 -19.08
C GLU A 197 -0.35 0.49 -18.48
N VAL A 198 -0.56 0.16 -17.21
CA VAL A 198 0.26 -0.86 -16.52
C VAL A 198 -0.12 -2.27 -17.06
N ILE A 199 -1.41 -2.52 -17.15
CA ILE A 199 -1.86 -3.71 -17.86
C ILE A 199 -1.43 -3.84 -19.34
N ARG A 200 -1.57 -2.81 -20.14
CA ARG A 200 -1.15 -2.85 -21.53
C ARG A 200 0.37 -2.98 -21.79
N MET A 201 1.19 -2.27 -21.00
CA MET A 201 2.66 -2.37 -21.06
C MET A 201 3.29 -2.50 -22.49
N GLN A 202 3.08 -1.44 -23.27
CA GLN A 202 3.56 -1.33 -24.66
C GLN A 202 4.97 -0.71 -24.71
N ASP A 203 5.43 -0.23 -23.57
CA ASP A 203 6.79 0.18 -23.31
C ASP A 203 7.26 -0.72 -22.17
N SER A 204 8.56 -0.76 -21.97
CA SER A 204 9.14 -1.61 -20.92
C SER A 204 8.48 -1.35 -19.54
N ASN A 205 8.62 -0.12 -19.06
CA ASN A 205 8.27 0.23 -17.70
C ASN A 205 7.09 1.21 -17.61
N PRO A 206 5.88 0.69 -17.46
CA PRO A 206 4.68 1.54 -17.47
C PRO A 206 4.33 2.17 -16.10
N TYR A 207 5.17 1.98 -15.10
CA TYR A 207 4.89 2.52 -13.77
C TYR A 207 5.34 3.96 -13.67
N SER A 208 4.60 4.75 -12.89
CA SER A 208 4.81 6.19 -12.70
C SER A 208 4.14 6.70 -11.43
N PHE A 209 4.40 7.95 -11.10
CA PHE A 209 3.58 8.60 -10.08
C PHE A 209 2.08 8.42 -10.41
N GLN A 210 1.73 8.54 -11.70
CA GLN A 210 0.31 8.59 -12.13
C GLN A 210 -0.33 7.25 -12.01
N SER A 211 0.43 6.17 -12.21
CA SER A 211 -0.05 4.82 -11.92
C SER A 211 -0.31 4.58 -10.44
N ASP A 212 0.50 5.17 -9.55
CA ASP A 212 0.24 5.08 -8.09
C ASP A 212 -1.03 5.89 -7.83
N VAL A 213 -1.21 7.03 -8.49
CA VAL A 213 -2.44 7.77 -8.32
C VAL A 213 -3.65 6.92 -8.71
N TYR A 214 -3.58 6.11 -9.76
CA TYR A 214 -4.74 5.29 -10.14
C TYR A 214 -5.06 4.28 -9.03
N ALA A 215 -4.02 3.61 -8.55
CA ALA A 215 -4.16 2.64 -7.47
C ALA A 215 -4.82 3.28 -6.23
N PHE A 216 -4.43 4.52 -5.90
CA PHE A 216 -5.01 5.30 -4.84
C PHE A 216 -6.47 5.57 -5.12
N GLY A 217 -6.79 5.89 -6.38
CA GLY A 217 -8.21 5.97 -6.82
C GLY A 217 -9.02 4.73 -6.51
N ILE A 218 -8.42 3.56 -6.70
CA ILE A 218 -9.11 2.31 -6.44
C ILE A 218 -9.24 2.16 -4.91
N VAL A 219 -8.22 2.49 -4.11
CA VAL A 219 -8.39 2.53 -2.65
C VAL A 219 -9.52 3.46 -2.24
N LEU A 220 -9.64 4.65 -2.81
CA LEU A 220 -10.79 5.53 -2.58
C LEU A 220 -12.13 4.85 -2.87
N TYR A 221 -12.21 4.12 -3.98
CA TYR A 221 -13.38 3.36 -4.35
C TYR A 221 -13.75 2.36 -3.26
N GLU A 222 -12.78 1.53 -2.84
CA GLU A 222 -12.93 0.64 -1.71
C GLU A 222 -13.46 1.30 -0.47
N LEU A 223 -12.90 2.44 -0.12
CA LEU A 223 -13.37 3.19 1.04
C LEU A 223 -14.80 3.70 0.91
N MET A 224 -15.09 4.33 -0.20
CA MET A 224 -16.38 4.99 -0.39
C MET A 224 -17.52 4.04 -0.77
N THR A 225 -17.19 2.84 -1.29
CA THR A 225 -18.23 1.83 -1.59
C THR A 225 -18.27 0.63 -0.65
N GLY A 226 -17.20 0.37 0.10
CA GLY A 226 -17.04 -0.85 0.89
C GLY A 226 -16.61 -2.08 0.10
N GLN A 227 -16.43 -1.97 -1.21
CA GLN A 227 -16.26 -3.15 -2.08
C GLN A 227 -15.03 -3.09 -2.98
N LEU A 228 -14.66 -4.24 -3.50
CA LEU A 228 -13.71 -4.33 -4.57
C LEU A 228 -14.42 -3.99 -5.90
N PRO A 229 -13.73 -3.26 -6.81
CA PRO A 229 -14.36 -3.06 -8.12
C PRO A 229 -14.58 -4.40 -8.87
N TYR A 230 -15.56 -4.39 -9.76
CA TYR A 230 -15.82 -5.45 -10.68
C TYR A 230 -16.19 -6.74 -9.99
N SER A 231 -16.89 -6.64 -8.87
CA SER A 231 -17.44 -7.81 -8.15
C SER A 231 -18.41 -8.71 -8.99
N ASN A 232 -19.05 -8.16 -10.02
CA ASN A 232 -19.98 -8.92 -10.90
C ASN A 232 -19.33 -9.49 -12.13
N ILE A 233 -17.99 -9.55 -12.16
CA ILE A 233 -17.28 -10.17 -13.24
C ILE A 233 -16.40 -11.23 -12.62
N ASN A 234 -16.51 -12.48 -13.11
CA ASN A 234 -15.80 -13.57 -12.44
C ASN A 234 -14.59 -14.08 -13.22
N ASN A 235 -14.14 -13.35 -14.22
CA ASN A 235 -13.05 -13.79 -15.07
C ASN A 235 -11.97 -12.70 -15.07
N ARG A 236 -10.91 -13.02 -14.33
CA ARG A 236 -9.84 -12.09 -14.02
C ARG A 236 -9.15 -11.70 -15.33
N ASP A 237 -9.05 -12.63 -16.28
CA ASP A 237 -8.49 -12.32 -17.62
C ASP A 237 -9.36 -11.36 -18.47
N GLN A 238 -10.68 -11.40 -18.32
CA GLN A 238 -11.51 -10.41 -19.00
C GLN A 238 -11.36 -9.03 -18.32
N ILE A 239 -11.25 -9.01 -17.00
CA ILE A 239 -11.06 -7.73 -16.26
C ILE A 239 -9.76 -7.12 -16.77
N ILE A 240 -8.72 -7.96 -16.85
CA ILE A 240 -7.40 -7.51 -17.33
C ILE A 240 -7.55 -6.90 -18.70
N GLU A 241 -8.05 -7.68 -19.65
CA GLU A 241 -8.20 -7.15 -21.02
C GLU A 241 -8.97 -5.83 -21.09
N MET A 242 -10.07 -5.80 -20.37
CA MET A 242 -11.04 -4.73 -20.51
C MET A 242 -10.60 -3.46 -19.82
N VAL A 243 -9.97 -3.59 -18.66
CA VAL A 243 -9.42 -2.41 -18.03
C VAL A 243 -8.29 -1.89 -18.94
N GLY A 244 -7.50 -2.80 -19.46
CA GLY A 244 -6.38 -2.42 -20.35
C GLY A 244 -6.83 -1.63 -21.55
N ARG A 245 -7.95 -2.05 -22.13
CA ARG A 245 -8.50 -1.44 -23.35
C ARG A 245 -9.37 -0.22 -23.10
N GLY A 246 -9.73 0.05 -21.85
CA GLY A 246 -10.56 1.20 -21.59
C GLY A 246 -12.06 0.93 -21.70
N SER A 247 -12.47 -0.34 -21.88
CA SER A 247 -13.89 -0.66 -21.96
C SER A 247 -14.60 -0.86 -20.59
N LEU A 248 -13.82 -1.02 -19.52
CA LEU A 248 -14.38 -1.30 -18.16
C LEU A 248 -13.71 -0.37 -17.16
N SER A 249 -14.49 0.19 -16.27
CA SER A 249 -13.94 0.99 -15.22
C SER A 249 -14.83 0.89 -14.01
N PRO A 250 -14.32 1.33 -12.85
CA PRO A 250 -15.09 1.13 -11.66
C PRO A 250 -16.40 1.92 -11.70
N ASP A 251 -17.47 1.31 -11.18
CA ASP A 251 -18.80 1.88 -11.17
C ASP A 251 -18.92 2.86 -10.01
N LEU A 252 -18.77 4.13 -10.28
CA LEU A 252 -18.75 5.12 -9.22
C LEU A 252 -20.12 5.45 -8.66
N SER A 253 -21.19 5.07 -9.39
CA SER A 253 -22.57 5.21 -8.88
C SER A 253 -22.74 4.43 -7.60
N LYS A 254 -21.87 3.47 -7.33
CA LYS A 254 -21.94 2.72 -6.09
C LYS A 254 -21.46 3.43 -4.85
N VAL A 255 -20.88 4.63 -4.92
CA VAL A 255 -20.37 5.23 -3.67
C VAL A 255 -21.54 5.48 -2.68
N ARG A 256 -21.28 5.39 -1.40
CA ARG A 256 -22.30 5.56 -0.37
C ARG A 256 -22.87 6.98 -0.43
N SER A 257 -24.12 7.16 -0.02
CA SER A 257 -24.88 8.46 -0.20
C SER A 257 -24.26 9.63 0.54
N ASN A 258 -23.69 9.36 1.68
CA ASN A 258 -22.92 10.41 2.40
C ASN A 258 -21.44 10.57 1.97
N CYS A 259 -21.00 10.02 0.84
CA CYS A 259 -19.65 10.31 0.38
C CYS A 259 -19.70 11.73 -0.14
N PRO A 260 -18.85 12.62 0.35
CA PRO A 260 -18.84 14.00 -0.22
C PRO A 260 -18.71 14.03 -1.76
N LYS A 261 -19.31 15.03 -2.40
CA LYS A 261 -19.37 15.09 -3.82
C LYS A 261 -17.94 15.37 -4.37
N ARG A 262 -17.17 16.16 -3.64
CA ARG A 262 -15.80 16.46 -4.02
C ARG A 262 -14.87 15.25 -3.86
N MET A 263 -15.17 14.35 -2.95
CA MET A 263 -14.51 13.07 -2.89
C MET A 263 -14.80 12.21 -4.14
N LYS A 264 -16.05 12.19 -4.57
CA LYS A 264 -16.45 11.33 -5.66
C LYS A 264 -15.81 11.86 -6.91
N ARG A 265 -15.80 13.18 -7.05
CA ARG A 265 -15.09 13.80 -8.16
C ARG A 265 -13.55 13.55 -8.18
N LEU A 266 -12.89 13.61 -7.01
CA LEU A 266 -11.45 13.39 -6.92
C LEU A 266 -11.15 11.93 -7.31
N MET A 267 -12.00 11.04 -6.86
CA MET A 267 -11.85 9.61 -7.14
C MET A 267 -11.90 9.42 -8.64
N ALA A 268 -12.85 10.12 -9.31
CA ALA A 268 -13.02 10.04 -10.76
C ALA A 268 -11.82 10.53 -11.48
N GLU A 269 -11.21 11.56 -10.94
CA GLU A 269 -9.98 12.10 -11.52
C GLU A 269 -8.77 11.16 -11.32
N CYS A 270 -8.66 10.59 -10.14
CA CYS A 270 -7.57 9.65 -9.89
C CYS A 270 -7.70 8.43 -10.79
N LEU A 271 -8.92 8.13 -11.22
CA LEU A 271 -9.17 6.95 -12.06
C LEU A 271 -9.17 7.23 -13.56
N LYS A 272 -8.78 8.42 -13.98
CA LYS A 272 -8.81 8.72 -15.41
C LYS A 272 -8.05 7.66 -16.18
N LYS A 273 -8.65 7.20 -17.27
CA LYS A 273 -7.98 6.22 -18.10
C LYS A 273 -6.69 6.75 -18.67
N LYS A 274 -6.64 8.03 -19.06
CA LYS A 274 -5.36 8.63 -19.58
C LYS A 274 -4.47 9.10 -18.45
N ARG A 275 -3.28 8.53 -18.41
CA ARG A 275 -2.36 8.76 -17.35
C ARG A 275 -2.24 10.21 -16.98
N ASP A 276 -2.03 11.04 -17.99
CA ASP A 276 -1.73 12.44 -17.73
C ASP A 276 -2.93 13.34 -17.44
N GLU A 277 -4.13 12.80 -17.40
CA GLU A 277 -5.26 13.53 -16.90
C GLU A 277 -5.43 13.33 -15.38
N ARG A 278 -4.69 12.40 -14.77
CA ARG A 278 -4.85 12.16 -13.32
C ARG A 278 -4.15 13.28 -12.56
N PRO A 279 -4.68 13.69 -11.41
CA PRO A 279 -3.94 14.66 -10.60
C PRO A 279 -2.68 14.08 -9.92
N SER A 280 -1.81 14.99 -9.44
CA SER A 280 -0.66 14.68 -8.61
C SER A 280 -1.03 14.65 -7.14
N PHE A 281 -0.19 14.02 -6.30
CA PHE A 281 -0.52 13.92 -4.86
C PHE A 281 -0.62 15.23 -4.13
N PRO A 282 0.17 16.26 -4.53
CA PRO A 282 -0.01 17.48 -3.66
C PRO A 282 -1.47 18.03 -3.73
N ARG A 283 -2.00 18.07 -4.93
CA ARG A 283 -3.38 18.40 -5.13
C ARG A 283 -4.37 17.38 -4.52
N ILE A 284 -4.13 16.09 -4.73
CA ILE A 284 -4.96 15.07 -4.11
C ILE A 284 -5.00 15.34 -2.61
N LEU A 285 -3.85 15.38 -1.96
CA LEU A 285 -3.77 15.62 -0.51
C LEU A 285 -4.49 16.90 -0.12
N ALA A 286 -4.16 18.01 -0.76
CA ALA A 286 -4.84 19.29 -0.31
C ALA A 286 -6.37 19.18 -0.35
N GLU A 287 -6.90 18.60 -1.43
CA GLU A 287 -8.36 18.53 -1.56
C GLU A 287 -9.00 17.59 -0.48
N ILE A 288 -8.33 16.46 -0.16
CA ILE A 288 -8.82 15.57 0.93
C ILE A 288 -8.71 16.23 2.32
N GLU A 289 -7.60 16.93 2.52
CA GLU A 289 -7.44 17.69 3.75
C GLU A 289 -8.51 18.76 3.92
N GLU A 290 -8.86 19.47 2.84
CA GLU A 290 -10.03 20.38 2.83
C GLU A 290 -11.37 19.69 3.20
N LEU A 291 -11.61 18.45 2.76
CA LEU A 291 -12.82 17.69 3.10
C LEU A 291 -12.80 17.26 4.50
N ALA A 292 -11.67 16.75 4.96
CA ALA A 292 -11.53 16.35 6.35
C ALA A 292 -11.66 17.54 7.32
N ARG A 293 -11.16 18.73 6.95
CA ARG A 293 -11.24 19.95 7.84
C ARG A 293 -12.67 20.47 8.03
N GLU A 294 -13.49 20.29 7.03
CA GLU A 294 -14.85 20.70 7.10
C GLU A 294 -15.72 19.84 7.99
N LEU A 295 -15.46 18.54 8.03
CA LEU A 295 -16.25 17.66 8.88
C LEU A 295 -15.73 17.85 10.31
N SER A 296 -15.83 19.08 10.81
CA SER A 296 -15.08 19.54 11.99
C SER A 296 -13.60 19.10 11.93
#